data_8GJD
#
_entry.id   8GJD
#
_cell.length_a   68.185
_cell.length_b   68.185
_cell.length_c   168.564
_cell.angle_alpha   90.00
_cell.angle_beta   90.00
_cell.angle_gamma   120.00
#
_symmetry.space_group_name_H-M   'H 3'
#
loop_
_entity.id
_entity.type
_entity.pdbx_description
1 polymer 'Beta-hairpin peptide derived from Abeta 17-36'
2 non-polymer 'IODIDE ION'
3 water water
#
_entity_poly.entity_id   1
_entity_poly.type   'polypeptide(L)'
_entity_poly.pdbx_seq_one_letter_code
;(ORN)LVFFAED(ORN)AII(SAR)LMV
;
_entity_poly.pdbx_strand_id   A,B,C,D,E,F,G,H,I,J,K,L,M,N,O,P
#
# COMPACT_ATOMS: atom_id res chain seq x y z
N LEU A 2 -0.06 1.62 -13.05
CA LEU A 2 -0.55 2.93 -12.64
C LEU A 2 -1.61 2.71 -11.56
N VAL A 3 -1.75 3.68 -10.66
CA VAL A 3 -2.79 3.66 -9.65
C VAL A 3 -3.53 4.98 -9.73
N PHE A 4 -4.79 4.93 -10.16
CA PHE A 4 -5.67 6.08 -10.16
C PHE A 4 -6.46 6.12 -8.85
N PHE A 5 -7.02 7.29 -8.56
CA PHE A 5 -7.70 7.54 -7.30
C PHE A 5 -9.10 8.06 -7.55
N ALA A 6 -10.04 7.60 -6.73
CA ALA A 6 -11.42 8.03 -6.83
C ALA A 6 -12.05 8.05 -5.44
N GLU A 7 -12.97 8.99 -5.25
CA GLU A 7 -13.78 9.01 -4.03
C GLU A 7 -14.90 7.98 -4.18
N ASP A 8 -15.01 7.09 -3.19
CA ASP A 8 -16.01 6.04 -3.21
C ASP A 8 -16.86 6.04 -1.95
N ALA A 10 -14.65 7.30 1.08
CA ALA A 10 -13.20 7.33 1.21
C ALA A 10 -12.55 7.23 -0.16
N ILE A 11 -11.32 7.71 -0.27
CA ILE A 11 -10.59 7.63 -1.52
C ILE A 11 -9.99 6.23 -1.66
N ILE A 12 -10.18 5.62 -2.83
CA ILE A 12 -9.70 4.27 -3.08
C ILE A 12 -8.74 4.28 -4.26
N LEU A 14 -7.13 2.64 -7.69
CA LEU A 14 -7.57 1.83 -8.82
C LEU A 14 -6.36 1.48 -9.68
N MET A 15 -5.91 0.24 -9.58
CA MET A 15 -4.67 -0.17 -10.22
C MET A 15 -4.88 -0.70 -11.63
N VAL A 16 -4.00 -0.27 -12.54
CA VAL A 16 -3.90 -0.59 -13.95
C VAL A 16 -2.45 -0.94 -14.28
N LEU B 2 -7.81 18.40 -19.87
CA LEU B 2 -7.93 17.83 -18.53
C LEU B 2 -6.62 17.15 -18.20
N VAL B 3 -6.22 17.21 -16.93
CA VAL B 3 -5.01 16.55 -16.45
C VAL B 3 -5.42 15.63 -15.30
N PHE B 4 -5.38 14.33 -15.54
CA PHE B 4 -5.63 13.35 -14.49
C PHE B 4 -4.32 12.99 -13.81
N PHE B 5 -4.43 12.36 -12.64
CA PHE B 5 -3.29 12.05 -11.80
C PHE B 5 -3.25 10.57 -11.51
N ALA B 6 -2.04 10.01 -11.50
CA ALA B 6 -1.85 8.60 -11.22
C ALA B 6 -0.49 8.40 -10.57
N GLU B 7 -0.39 7.39 -9.72
CA GLU B 7 0.89 6.99 -9.16
C GLU B 7 1.60 6.11 -10.19
N ASP B 8 2.80 6.50 -10.57
CA ASP B 8 3.59 5.76 -11.54
C ASP B 8 4.93 5.35 -10.92
N ALA B 10 6.16 8.15 -8.41
CA ALA B 10 5.81 9.55 -8.35
C ALA B 10 4.43 9.76 -8.95
N ILE B 11 3.75 10.81 -8.49
CA ILE B 11 2.45 11.18 -9.03
C ILE B 11 2.67 11.95 -10.33
N ILE B 12 2.16 11.41 -11.43
CA ILE B 12 2.36 12.03 -12.74
C ILE B 12 1.04 12.54 -13.30
N LEU B 14 -1.61 13.16 -16.35
CA LEU B 14 -2.01 12.51 -17.60
C LEU B 14 -2.95 13.43 -18.35
N MET B 15 -2.43 14.10 -19.37
CA MET B 15 -3.18 15.13 -20.08
C MET B 15 -4.04 14.56 -21.19
N VAL B 16 -5.27 15.07 -21.28
CA VAL B 16 -6.37 14.81 -22.20
C VAL B 16 -6.97 16.14 -22.63
N LEU C 2 -18.48 6.65 -8.25
CA LEU C 2 -17.12 7.07 -8.01
C LEU C 2 -16.94 8.48 -8.53
N VAL C 3 -16.07 9.24 -7.88
CA VAL C 3 -15.74 10.60 -8.30
C VAL C 3 -14.25 10.64 -8.61
N PHE C 4 -13.91 10.83 -9.87
CA PHE C 4 -12.53 11.03 -10.29
C PHE C 4 -12.22 12.52 -10.30
N PHE C 5 -10.93 12.84 -10.23
CA PHE C 5 -10.48 14.22 -10.13
C PHE C 5 -9.55 14.56 -11.29
N ALA C 6 -9.68 15.77 -11.81
CA ALA C 6 -8.83 16.26 -12.88
C ALA C 6 -8.65 17.76 -12.73
N GLU C 7 -7.50 18.25 -13.20
CA GLU C 7 -7.24 19.68 -13.27
C GLU C 7 -7.84 20.21 -14.57
N ASP C 8 -8.69 21.23 -14.47
CA ASP C 8 -9.38 21.78 -15.63
C ASP C 8 -9.03 23.26 -15.84
N ALA C 10 -8.43 24.79 -11.92
CA ALA C 10 -8.95 24.28 -10.65
C ALA C 10 -9.23 22.79 -10.80
N ILE C 11 -9.30 22.09 -9.66
CA ILE C 11 -9.60 20.66 -9.66
C ILE C 11 -11.11 20.49 -9.74
N ILE C 12 -11.56 19.59 -10.61
CA ILE C 12 -12.98 19.34 -10.79
C ILE C 12 -13.28 17.86 -10.58
N LEU C 14 -15.27 14.35 -11.35
CA LEU C 14 -15.87 13.64 -12.48
C LEU C 14 -16.64 12.43 -11.94
N MET C 15 -17.96 12.54 -11.93
CA MET C 15 -18.81 11.54 -11.28
C MET C 15 -19.25 10.47 -12.27
N VAL C 16 -19.04 9.21 -11.90
CA VAL C 16 -19.33 7.94 -12.56
C VAL C 16 -20.09 7.04 -11.59
N LEU D 2 -12.25 22.31 6.37
CA LEU D 2 -11.43 21.82 5.27
C LEU D 2 -11.05 20.38 5.58
N VAL D 3 -10.87 19.58 4.54
CA VAL D 3 -10.47 18.19 4.67
C VAL D 3 -9.20 18.00 3.86
N PHE D 4 -8.09 17.74 4.55
CA PHE D 4 -6.84 17.42 3.90
C PHE D 4 -6.72 15.90 3.75
N PHE D 5 -5.78 15.47 2.91
CA PHE D 5 -5.63 14.07 2.57
C PHE D 5 -4.18 13.66 2.71
N ALA D 6 -3.97 12.45 3.23
CA ALA D 6 -2.63 11.91 3.40
C ALA D 6 -2.66 10.41 3.16
N GLU D 7 -1.56 9.89 2.64
CA GLU D 7 -1.38 8.45 2.51
C GLU D 7 -0.92 7.89 3.85
N ASP D 8 -1.56 6.81 4.28
CA ASP D 8 -1.23 6.17 5.55
C ASP D 8 -1.03 4.67 5.36
N ALA D 10 -3.74 3.43 2.94
CA ALA D 10 -4.98 4.00 2.43
C ALA D 10 -4.92 5.52 2.56
N ILE D 11 -5.66 6.21 1.71
CA ILE D 11 -5.74 7.66 1.78
C ILE D 11 -6.76 8.04 2.85
N ILE D 12 -6.34 8.82 3.83
CA ILE D 12 -7.21 9.22 4.93
C ILE D 12 -7.51 10.71 4.85
N LEU D 14 -8.21 14.40 6.64
CA LEU D 14 -7.83 15.16 7.82
C LEU D 14 -8.69 16.42 7.91
N MET D 15 -9.65 16.43 8.83
CA MET D 15 -10.62 17.51 8.92
C MET D 15 -10.18 18.59 9.90
N VAL D 16 -10.27 19.85 9.47
CA VAL D 16 -9.99 21.15 10.06
C VAL D 16 -11.17 22.08 9.80
N LEU E 2 2.81 9.72 7.89
CA LEU E 2 1.81 10.17 6.94
C LEU E 2 2.54 10.79 5.76
N VAL E 3 1.95 10.73 4.58
CA VAL E 3 2.52 11.35 3.39
C VAL E 3 1.49 12.31 2.83
N PHE E 4 1.79 13.60 2.90
CA PHE E 4 0.97 14.64 2.29
C PHE E 4 1.50 14.96 0.89
N PHE E 5 0.68 15.64 0.10
CA PHE E 5 1.01 15.94 -1.28
C PHE E 5 0.84 17.43 -1.55
N ALA E 6 1.69 17.95 -2.44
CA ALA E 6 1.65 19.36 -2.81
C ALA E 6 2.21 19.52 -4.20
N GLU E 7 1.74 20.55 -4.89
CA GLU E 7 2.26 20.91 -6.21
C GLU E 7 3.49 21.78 -6.02
N ASP E 8 4.61 21.38 -6.62
CA ASP E 8 5.86 22.13 -6.52
C ASP E 8 6.37 22.52 -7.90
N ALA E 10 4.81 19.42 -11.00
CA ALA E 10 4.60 18.05 -10.56
C ALA E 10 4.22 18.01 -9.08
N ILE E 11 3.64 16.89 -8.66
CA ILE E 11 3.21 16.69 -7.29
C ILE E 11 4.29 15.92 -6.55
N ILE E 12 4.57 16.32 -5.31
CA ILE E 12 5.62 15.71 -4.51
C ILE E 12 5.05 15.24 -3.17
N LEU E 14 5.21 14.58 0.88
CA LEU E 14 5.79 15.22 2.05
C LEU E 14 5.54 14.34 3.26
N MET E 15 6.61 13.74 3.78
CA MET E 15 6.48 12.77 4.87
C MET E 15 6.57 13.43 6.24
N VAL E 16 5.67 13.01 7.11
CA VAL E 16 5.44 13.36 8.51
C VAL E 16 5.31 12.07 9.30
N LEU F 2 4.66 25.99 -2.69
CA LEU F 2 3.96 24.72 -2.64
C LEU F 2 2.47 25.02 -2.63
N VAL F 3 1.69 24.16 -3.29
CA VAL F 3 0.24 24.27 -3.30
C VAL F 3 -0.30 22.96 -2.73
N PHE F 4 -0.92 23.04 -1.56
CA PHE F 4 -1.62 21.91 -0.97
C PHE F 4 -3.09 21.94 -1.41
N PHE F 5 -3.78 20.82 -1.18
CA PHE F 5 -5.15 20.66 -1.63
C PHE F 5 -6.02 20.25 -0.46
N ALA F 6 -7.28 20.67 -0.51
CA ALA F 6 -8.26 20.35 0.53
C ALA F 6 -9.65 20.53 -0.06
N GLU F 7 -10.59 19.72 0.44
CA GLU F 7 -11.98 19.89 0.08
C GLU F 7 -12.59 21.03 0.89
N ASP F 8 -13.25 21.95 0.20
CA ASP F 8 -13.85 23.12 0.85
C ASP F 8 -15.36 23.17 0.65
N ALA F 10 -15.84 22.10 -3.29
CA ALA F 10 -14.83 21.93 -4.33
C ALA F 10 -13.46 21.73 -3.70
N ILE F 11 -12.51 21.24 -4.49
CA ILE F 11 -11.13 21.09 -4.04
C ILE F 11 -10.40 22.39 -4.34
N ILE F 12 -9.84 23.01 -3.31
CA ILE F 12 -9.18 24.30 -3.44
C ILE F 12 -7.67 24.16 -3.21
N LEU F 14 -4.06 25.63 -1.72
CA LEU F 14 -3.60 26.42 -0.58
C LEU F 14 -2.11 26.67 -0.74
N MET F 15 -1.75 27.91 -1.07
CA MET F 15 -0.38 28.25 -1.42
C MET F 15 0.46 28.64 -0.20
N VAL F 16 1.67 28.12 -0.15
CA VAL F 16 2.83 28.18 0.74
C VAL F 16 4.10 28.35 -0.10
N LEU G 2 22.70 -11.60 -3.93
CA LEU G 2 21.80 -11.18 -2.86
C LEU G 2 20.65 -10.41 -3.49
N VAL G 3 19.45 -10.55 -2.93
CA VAL G 3 18.27 -9.85 -3.41
C VAL G 3 17.71 -9.05 -2.25
N PHE G 4 17.83 -7.73 -2.33
CA PHE G 4 17.20 -6.84 -1.36
C PHE G 4 15.80 -6.47 -1.85
N PHE G 5 15.01 -5.89 -0.94
CA PHE G 5 13.62 -5.57 -1.20
C PHE G 5 13.31 -4.15 -0.80
N ALA G 6 12.46 -3.49 -1.58
CA ALA G 6 12.07 -2.12 -1.30
C ALA G 6 10.64 -1.90 -1.78
N GLU G 7 9.93 -1.02 -1.07
CA GLU G 7 8.61 -0.58 -1.51
C GLU G 7 8.77 0.50 -2.55
N ASP G 8 8.03 0.39 -3.65
CA ASP G 8 8.08 1.37 -4.73
C ASP G 8 6.68 1.74 -5.19
N ALA G 10 4.30 -1.45 -5.02
CA ALA G 10 4.66 -2.87 -5.06
C ALA G 10 6.05 -3.06 -4.49
N ILE G 11 6.29 -4.22 -3.90
CA ILE G 11 7.61 -4.57 -3.39
C ILE G 11 8.45 -5.09 -4.55
N ILE G 12 9.62 -4.48 -4.76
CA ILE G 12 10.47 -4.85 -5.87
C ILE G 12 11.76 -5.49 -5.35
N LEU G 14 15.82 -6.14 -5.46
CA LEU G 14 17.06 -5.44 -5.83
C LEU G 14 18.21 -6.43 -5.78
N MET G 15 18.68 -6.86 -6.96
CA MET G 15 19.72 -7.89 -7.02
C MET G 15 21.12 -7.28 -7.06
N VAL G 16 22.05 -7.90 -6.35
CA VAL G 16 23.47 -7.73 -6.09
C VAL G 16 24.14 -9.10 -6.03
N LEU H 2 12.16 5.03 -3.11
CA LEU H 2 12.17 3.66 -2.64
C LEU H 2 12.17 3.68 -1.11
N VAL H 3 11.56 2.68 -0.50
CA VAL H 3 11.54 2.53 0.94
C VAL H 3 12.13 1.17 1.27
N PHE H 4 13.26 1.17 1.95
CA PHE H 4 13.89 -0.04 2.46
C PHE H 4 13.48 -0.24 3.93
N PHE H 5 13.70 -1.46 4.42
CA PHE H 5 13.28 -1.83 5.76
C PHE H 5 14.45 -2.43 6.53
N ALA H 6 14.48 -2.15 7.83
CA ALA H 6 15.54 -2.67 8.70
C ALA H 6 15.02 -2.78 10.12
N GLU H 7 15.56 -3.75 10.84
CA GLU H 7 15.26 -3.91 12.26
C GLU H 7 16.11 -2.95 13.08
N ASP H 8 15.46 -2.18 13.96
CA ASP H 8 16.15 -1.17 14.76
C ASP H 8 15.76 -1.24 16.22
N ALA H 10 11.92 -2.95 16.43
CA ALA H 10 10.87 -3.04 15.42
C ALA H 10 11.45 -2.72 14.05
N ILE H 11 10.64 -2.90 13.02
CA ILE H 11 11.06 -2.64 11.65
C ILE H 11 10.74 -1.19 11.31
N ILE H 12 11.69 -0.52 10.68
CA ILE H 12 11.54 0.89 10.34
C ILE H 12 11.77 1.08 8.84
N LEU H 14 13.14 3.03 5.54
CA LEU H 14 14.26 3.89 5.19
C LEU H 14 14.05 4.39 3.76
N MET H 15 13.76 5.68 3.63
CA MET H 15 13.38 6.26 2.36
C MET H 15 14.58 6.80 1.59
N VAL H 16 14.63 6.45 0.31
CA VAL H 16 15.66 6.84 -0.64
C VAL H 16 14.99 7.33 -1.93
N LEU I 2 21.45 -1.46 12.86
CA LEU I 2 20.37 -1.77 11.95
C LEU I 2 20.62 -3.16 11.38
N VAL I 3 19.55 -3.90 11.10
CA VAL I 3 19.64 -5.21 10.46
C VAL I 3 18.77 -5.16 9.22
N PHE I 4 19.40 -5.19 8.06
CA PHE I 4 18.70 -5.33 6.79
C PHE I 4 18.55 -6.81 6.43
N PHE I 5 17.69 -7.08 5.46
CA PHE I 5 17.36 -8.44 5.07
C PHE I 5 17.57 -8.60 3.57
N ALA I 6 17.97 -9.80 3.17
CA ALA I 6 18.19 -10.11 1.76
C ALA I 6 18.02 -11.61 1.57
N GLU I 7 17.54 -11.98 0.39
CA GLU I 7 17.52 -13.38 -0.01
C GLU I 7 18.93 -13.80 -0.41
N ASP I 8 19.42 -14.89 0.18
CA ASP I 8 20.76 -15.39 -0.11
C ASP I 8 20.69 -16.87 -0.47
N ALA I 10 17.73 -18.71 1.34
CA ALA I 10 17.14 -18.33 2.62
C ALA I 10 17.35 -16.84 2.88
N ILE I 11 16.54 -16.29 3.78
CA ILE I 11 16.60 -14.87 4.14
C ILE I 11 17.64 -14.71 5.24
N ILE I 12 18.58 -13.78 5.04
CA ILE I 12 19.65 -13.56 6.00
C ILE I 12 19.64 -12.11 6.48
N LEU I 14 21.59 -8.64 7.72
CA LEU I 14 22.83 -7.92 7.42
C LEU I 14 22.96 -6.74 8.35
N MET I 15 23.83 -6.86 9.34
CA MET I 15 23.94 -5.85 10.40
C MET I 15 24.91 -4.73 10.03
N VAL I 16 24.50 -3.49 10.32
CA VAL I 16 24.99 -2.12 10.21
C VAL I 16 24.71 -1.43 11.54
N LEU J 2 -4.91 -4.56 8.04
CA LEU J 2 -3.55 -5.09 8.08
C LEU J 2 -3.20 -5.54 6.68
N VAL J 3 -1.90 -5.47 6.33
CA VAL J 3 -1.42 -5.95 5.04
C VAL J 3 -0.30 -6.94 5.32
N PHE J 4 -0.54 -8.20 5.03
CA PHE J 4 0.48 -9.24 5.10
C PHE J 4 1.16 -9.38 3.73
N PHE J 5 2.33 -10.01 3.75
CA PHE J 5 3.16 -10.12 2.56
C PHE J 5 3.51 -11.57 2.30
N ALA J 6 3.59 -11.94 1.02
CA ALA J 6 3.91 -13.30 0.62
C ALA J 6 4.56 -13.27 -0.75
N GLU J 7 5.48 -14.21 -0.96
CA GLU J 7 6.08 -14.40 -2.27
C GLU J 7 5.14 -15.21 -3.14
N ASP J 8 4.83 -14.69 -4.33
CA ASP J 8 3.91 -15.35 -5.24
C ASP J 8 4.53 -15.54 -6.62
N ALA J 10 6.96 -12.56 -7.39
CA ALA J 10 6.97 -11.22 -6.80
C ALA J 10 6.29 -11.25 -5.44
N ILE J 11 6.67 -10.31 -4.57
CA ILE J 11 6.06 -10.20 -3.26
C ILE J 11 4.76 -9.41 -3.40
N ILE J 12 3.68 -9.97 -2.87
CA ILE J 12 2.37 -9.33 -2.98
C ILE J 12 1.82 -9.01 -1.59
N LEU J 14 -1.29 -8.78 1.11
CA LEU J 14 -2.57 -9.42 1.39
C LEU J 14 -3.30 -8.63 2.47
N MET J 15 -4.34 -7.90 2.07
CA MET J 15 -5.04 -7.01 2.98
C MET J 15 -6.19 -7.74 3.68
N VAL J 16 -6.31 -7.47 4.98
CA VAL J 16 -7.23 -7.90 6.03
C VAL J 16 -7.70 -6.67 6.79
N LEU K 2 2.06 -19.91 -2.23
CA LEU K 2 2.48 -18.66 -1.62
C LEU K 2 3.48 -19.00 -0.52
N VAL K 3 4.44 -18.10 -0.30
CA VAL K 3 5.45 -18.29 0.74
C VAL K 3 5.31 -17.12 1.70
N PHE K 4 4.87 -17.40 2.91
CA PHE K 4 4.84 -16.42 3.98
C PHE K 4 6.14 -16.50 4.78
N PHE K 5 6.46 -15.41 5.47
CA PHE K 5 7.70 -15.28 6.22
C PHE K 5 7.40 -15.04 7.69
N ALA K 6 8.24 -15.61 8.55
CA ALA K 6 8.11 -15.41 9.99
C ALA K 6 9.48 -15.55 10.64
N GLU K 7 9.66 -14.82 11.75
CA GLU K 7 10.86 -14.97 12.55
C GLU K 7 10.70 -16.16 13.50
N ASP K 8 11.67 -17.06 13.48
CA ASP K 8 11.61 -18.28 14.29
C ASP K 8 12.84 -18.40 15.19
N ALA K 10 16.23 -16.57 13.12
CA ALA K 10 16.29 -16.46 11.66
C ALA K 10 14.89 -16.35 11.07
N ILE K 11 14.82 -15.86 9.84
CA ILE K 11 13.56 -15.78 9.10
C ILE K 11 13.36 -17.09 8.34
N ILE K 12 12.17 -17.66 8.44
CA ILE K 12 11.86 -18.92 7.77
C ILE K 12 10.68 -18.75 6.84
N LEU K 14 7.24 -20.08 4.94
CA LEU K 14 6.11 -20.94 5.23
C LEU K 14 5.27 -21.07 3.97
N MET K 15 5.30 -22.25 3.37
CA MET K 15 4.65 -22.46 2.07
C MET K 15 3.24 -23.02 2.24
N VAL K 16 2.31 -22.44 1.51
CA VAL K 16 0.87 -22.59 1.28
C VAL K 16 0.63 -22.69 -0.22
N LEU L 2 6.63 -17.97 16.82
CA LEU L 2 6.83 -17.39 15.50
C LEU L 2 6.36 -15.95 15.55
N VAL L 3 6.95 -15.10 14.74
CA VAL L 3 6.58 -13.69 14.65
C VAL L 3 6.35 -13.38 13.18
N PHE L 4 5.08 -13.16 12.82
CA PHE L 4 4.72 -12.71 11.48
C PHE L 4 4.72 -11.19 11.44
N PHE L 5 4.76 -10.64 10.24
CA PHE L 5 4.87 -9.21 10.03
C PHE L 5 3.70 -8.71 9.21
N ALA L 6 3.24 -7.50 9.52
CA ALA L 6 2.12 -6.91 8.80
C ALA L 6 2.22 -5.40 8.91
N GLU L 7 1.78 -4.72 7.86
CA GLU L 7 1.66 -3.27 7.90
C GLU L 7 0.40 -2.90 8.65
N ASP L 8 0.55 -2.11 9.71
CA ASP L 8 -0.58 -1.67 10.52
C ASP L 8 -0.67 -0.15 10.52
N ALA L 10 3.00 1.44 10.42
CA ALA L 10 4.25 0.82 10.80
C ALA L 10 4.17 -0.69 10.65
N ILE L 11 5.31 -1.32 10.41
CA ILE L 11 5.38 -2.78 10.34
C ILE L 11 5.44 -3.31 11.76
N ILE L 12 4.44 -4.13 12.13
CA ILE L 12 4.37 -4.67 13.48
C ILE L 12 4.57 -6.18 13.46
N LEU L 14 3.59 -9.95 14.81
CA LEU L 14 2.45 -10.67 15.37
C LEU L 14 2.89 -12.03 15.89
N MET L 15 2.84 -12.21 17.20
CA MET L 15 3.35 -13.41 17.85
C MET L 15 2.30 -14.52 17.94
N VAL L 16 2.72 -15.75 17.70
CA VAL L 16 2.23 -17.12 17.66
C VAL L 16 3.30 -18.03 18.24
N LEU M 2 -10.75 -11.07 -21.50
CA LEU M 2 -9.75 -10.61 -22.45
C LEU M 2 -8.49 -10.26 -21.68
N VAL M 3 -7.33 -10.52 -22.28
CA VAL M 3 -6.05 -10.18 -21.69
C VAL M 3 -5.31 -9.30 -22.67
N PHE M 4 -5.17 -8.02 -22.33
CA PHE M 4 -4.37 -7.10 -23.10
C PHE M 4 -2.95 -7.06 -22.55
N PHE M 5 -2.03 -6.58 -23.37
CA PHE M 5 -0.62 -6.57 -23.03
C PHE M 5 -0.05 -5.16 -23.13
N ALA M 6 0.82 -4.81 -22.19
CA ALA M 6 1.46 -3.51 -22.18
C ALA M 6 2.84 -3.64 -21.56
N GLU M 7 3.78 -2.85 -22.07
CA GLU M 7 5.09 -2.75 -21.46
C GLU M 7 4.99 -1.86 -20.22
N ASP M 8 5.57 -2.32 -19.11
CA ASP M 8 5.53 -1.58 -17.86
C ASP M 8 6.93 -1.33 -17.34
N ALA M 10 8.87 -4.44 -18.30
CA ALA M 10 8.49 -5.81 -18.67
C ALA M 10 7.06 -5.82 -19.17
N ILE M 11 6.76 -6.76 -20.07
CA ILE M 11 5.41 -6.88 -20.62
C ILE M 11 4.52 -7.58 -19.61
N ILE M 12 3.38 -6.97 -19.30
CA ILE M 12 2.45 -7.51 -18.32
C ILE M 12 1.09 -7.75 -18.96
N LEU M 14 -3.05 -7.58 -18.79
CA LEU M 14 -4.10 -6.78 -18.17
C LEU M 14 -5.44 -7.45 -18.44
N MET M 15 -6.02 -8.05 -17.41
CA MET M 15 -7.17 -8.93 -17.57
C MET M 15 -8.49 -8.21 -17.37
N VAL M 16 -9.41 -8.42 -18.31
CA VAL M 16 -10.74 -7.85 -18.33
C VAL M 16 -11.75 -8.95 -18.60
N LEU N 2 17.96 -7.20 -32.26
CA LEU N 2 16.54 -7.48 -32.38
C LEU N 2 16.11 -8.10 -31.06
N VAL N 3 14.89 -7.82 -30.63
CA VAL N 3 14.32 -8.42 -29.43
C VAL N 3 13.04 -9.14 -29.83
N PHE N 4 13.06 -10.46 -29.78
CA PHE N 4 11.88 -11.27 -29.97
C PHE N 4 11.19 -11.50 -28.63
N PHE N 5 9.92 -11.88 -28.69
CA PHE N 5 9.09 -12.06 -27.51
C PHE N 5 8.51 -13.46 -27.49
N ALA N 6 8.44 -14.04 -26.29
CA ALA N 6 7.89 -15.37 -26.10
C ALA N 6 7.28 -15.47 -24.72
N GLU N 7 6.22 -16.28 -24.62
CA GLU N 7 5.65 -16.62 -23.32
C GLU N 7 6.50 -17.71 -22.68
N ASP N 8 6.95 -17.46 -21.45
CA ASP N 8 7.82 -18.39 -20.76
C ASP N 8 7.36 -18.65 -19.32
N ALA N 10 5.29 -15.64 -17.97
CA ALA N 10 5.15 -14.28 -18.45
C ALA N 10 5.85 -14.10 -19.79
N ILE N 11 5.66 -12.93 -20.40
CA ILE N 11 6.29 -12.63 -21.67
C ILE N 11 7.71 -12.12 -21.41
N ILE N 12 8.68 -12.71 -22.08
CA ILE N 12 10.08 -12.35 -21.87
C ILE N 12 10.70 -11.88 -23.19
N LEU N 14 13.79 -11.73 -25.88
CA LEU N 14 14.90 -12.55 -26.33
C LEU N 14 15.75 -11.76 -27.30
N MET N 15 16.93 -11.33 -26.86
CA MET N 15 17.75 -10.42 -27.63
C MET N 15 18.75 -11.16 -28.51
N VAL N 16 18.87 -10.69 -29.73
CA VAL N 16 19.70 -11.07 -30.86
C VAL N 16 20.36 -9.79 -31.41
N LEU O 2 -6.63 -5.08 14.45
CA LEU O 2 -8.04 -5.41 14.37
C LEU O 2 -8.48 -6.01 15.70
N VAL O 3 -9.73 -5.78 16.08
CA VAL O 3 -10.29 -6.33 17.30
C VAL O 3 -11.58 -7.06 16.92
N PHE O 4 -11.54 -8.38 16.96
CA PHE O 4 -12.72 -9.19 16.76
C PHE O 4 -13.41 -9.45 18.10
N PHE O 5 -14.68 -9.83 18.02
CA PHE O 5 -15.50 -10.01 19.22
C PHE O 5 -16.10 -11.41 19.22
N ALA O 6 -16.23 -11.98 20.41
CA ALA O 6 -16.78 -13.32 20.57
C ALA O 6 -17.37 -13.44 21.96
N GLU O 7 -18.47 -14.18 22.07
CA GLU O 7 -19.02 -14.56 23.36
C GLU O 7 -18.18 -15.67 23.95
N ASP O 8 -17.67 -15.47 25.17
CA ASP O 8 -16.80 -16.44 25.81
C ASP O 8 -17.33 -16.81 27.19
N ALA O 10 -19.57 -13.70 28.65
CA ALA O 10 -19.46 -12.29 28.28
C ALA O 10 -18.75 -12.14 26.94
N ILE O 11 -18.97 -11.00 26.29
CA ILE O 11 -18.33 -10.71 25.01
C ILE O 11 -16.94 -10.16 25.28
N ILE O 12 -15.94 -10.75 24.60
CA ILE O 12 -14.55 -10.35 24.79
C ILE O 12 -13.94 -9.89 23.48
N LEU O 14 -10.77 -9.73 20.81
CA LEU O 14 -9.64 -10.54 20.38
C LEU O 14 -8.77 -9.71 19.44
N MET O 15 -7.65 -9.23 19.96
CA MET O 15 -6.83 -8.25 19.26
C MET O 15 -5.79 -8.89 18.35
N VAL O 16 -5.76 -8.43 17.11
CA VAL O 16 -4.83 -8.89 16.10
C VAL O 16 -4.13 -7.70 15.44
N LEU P 2 -35.33 -9.00 25.05
CA LEU P 2 -34.34 -8.52 24.10
C LEU P 2 -33.11 -8.15 24.90
N VAL P 3 -31.93 -8.43 24.35
CA VAL P 3 -30.67 -8.06 24.98
C VAL P 3 -29.91 -7.19 24.00
N PHE P 4 -29.76 -5.92 24.32
CA PHE P 4 -28.95 -4.99 23.56
C PHE P 4 -27.53 -4.99 24.09
N PHE P 5 -26.60 -4.48 23.27
CA PHE P 5 -25.19 -4.50 23.59
C PHE P 5 -24.64 -3.07 23.52
N ALA P 6 -23.76 -2.75 24.46
CA ALA P 6 -23.11 -1.45 24.50
C ALA P 6 -21.73 -1.59 25.11
N GLU P 7 -20.80 -0.76 24.64
CA GLU P 7 -19.49 -0.66 25.26
C GLU P 7 -19.61 0.16 26.53
N ASP P 8 -19.05 -0.37 27.62
CA ASP P 8 -19.11 0.31 28.91
C ASP P 8 -17.74 0.32 29.57
N ALA P 10 -15.74 -2.70 28.55
CA ALA P 10 -16.10 -3.96 27.91
C ALA P 10 -17.53 -3.91 27.40
N ILE P 11 -17.89 -4.87 26.55
CA ILE P 11 -19.24 -4.95 26.01
C ILE P 11 -20.13 -5.62 27.05
N ILE P 12 -21.28 -5.01 27.31
CA ILE P 12 -22.20 -5.52 28.33
C ILE P 12 -23.57 -5.77 27.72
N LEU P 14 -27.64 -5.58 27.86
CA LEU P 14 -28.68 -4.76 28.45
C LEU P 14 -30.03 -5.41 28.17
N MET P 15 -30.63 -5.99 29.20
CA MET P 15 -31.85 -6.78 29.02
C MET P 15 -33.10 -5.93 29.19
N VAL P 16 -34.08 -6.18 28.33
CA VAL P 16 -35.41 -5.65 28.14
C VAL P 16 -36.37 -6.80 27.86
#